data_4GS7
#
_entry.id   4GS7
#
_cell.length_a   70.949
_cell.length_b   74.610
_cell.length_c   129.211
_cell.angle_alpha   90.00
_cell.angle_beta   90.00
_cell.angle_gamma   90.00
#
_symmetry.space_group_name_H-M   'P 21 21 21'
#
loop_
_entity.id
_entity.type
_entity.pdbx_description
1 polymer Interleukin-15
2 polymer 'Interleukin-2 receptor subunit beta'
3 polymer 'Cytokine receptor common subunit gamma'
4 polymer 'Interleukin-15 receptor subunit alpha'
5 branched 2-acetamido-2-deoxy-beta-D-glucopyranose-(1-4)-2-acetamido-2-deoxy-beta-D-glucopyranose
6 non-polymer 1,2-ETHANEDIOL
7 non-polymer 'ACETATE ION'
8 non-polymer 2-acetamido-2-deoxy-beta-D-glucopyranose
9 water water
#
loop_
_entity_poly.entity_id
_entity_poly.type
_entity_poly.pdbx_seq_one_letter_code
_entity_poly.pdbx_strand_id
1 'polypeptide(L)'
;MGNWVNVISDL(MLY)(MLY)IEDLIQSMHIDATLYTESDVHPSCKVTAMKCFLLELQVISLESGDASIHDTVENLIILA
NNSLSSNGNVTESGCKECEELEE(MLY)NI(MLY)EFLQSFVHIVQMFINTS
;
A
2 'polypeptide(L)'
;ADPAVQGTSQFTCFYNSRAQISCVWSQDGALQDTSCQVHAWPDRRRWQQTCELLPVSQASWACNLILGAPDSQ(MLY)LT
TVDIVTLRVLCREGVRWRVMAIQDFKPFENLRLMAPISLQVVHVETHRCNISWEISQASHYFERHLEFEARTLSPGHTWE
EAPLLTL(MLY)Q(MLY)QEWICLETLTPDTQYEFQVRV(MLY)PLQGEFTTWSPWSQPLAFRTKPAALGKDT
;
B
3 'polypeptide(L)'
;ADPLPLPEVQCFVFNVEYMNCTWQSSSEPQPTNLTLHYWY(MLY)NSDND(MLY)VQKCSHYLFSEEITSGCQLQKKEIH
LYQTFVVQLQDPREPRRQATQML(MLY)LQNLVIPWAPENLTLHKLSESQLELNWNNRFLNHCLEHLVQYRTDWDHSWTE
QSVDYRHKFSLPSVDGQKRYTFRVRSRFNPLCGSAQHWSEWSHPIHWGSNTSKEN
;
C
4 'polypeptide(L)' MGITCPPPMSVEHADIWVKSYSLYSRERYICNSGFKRKAGTSSLTECVLNKATNVAHWTTPSLKCIRDP D
#
# COMPACT_ATOMS: atom_id res chain seq x y z
N MET A 1 10.90 -7.41 3.13
CA MET A 1 9.58 -6.84 3.33
C MET A 1 9.57 -5.73 4.38
N GLY A 2 8.49 -5.69 5.17
CA GLY A 2 8.41 -4.87 6.35
C GLY A 2 8.37 -3.39 6.05
N ASN A 3 9.49 -2.72 6.28
CA ASN A 3 9.59 -1.29 6.03
C ASN A 3 9.23 -0.94 4.60
N TRP A 4 9.69 -1.74 3.64
CA TRP A 4 9.42 -1.45 2.23
C TRP A 4 7.94 -1.54 1.88
N VAL A 5 7.24 -2.47 2.53
CA VAL A 5 5.80 -2.61 2.38
C VAL A 5 5.11 -1.31 2.80
N ASN A 6 5.51 -0.77 3.94
CA ASN A 6 4.99 0.52 4.40
C ASN A 6 5.36 1.65 3.44
N VAL A 7 6.54 1.55 2.85
CA VAL A 7 6.99 2.54 1.87
C VAL A 7 6.08 2.56 0.64
N ILE A 8 5.68 1.37 0.18
CA ILE A 8 4.70 1.24 -0.88
C ILE A 8 3.41 1.98 -0.52
N SER A 9 2.91 1.75 0.68
CA SER A 9 1.70 2.39 1.17
C SER A 9 1.80 3.91 1.14
N ASP A 10 2.95 4.42 1.58
CA ASP A 10 3.17 5.86 1.58
C ASP A 10 3.24 6.41 0.16
N LEU A 11 3.89 5.67 -0.74
CA LEU A 11 3.96 6.06 -2.14
C LEU A 11 2.57 6.17 -2.76
N ILE A 14 0.86 9.31 -1.43
CA ILE A 14 1.37 10.47 -2.15
C ILE A 14 0.73 10.59 -3.53
N GLU A 15 0.65 9.48 -4.25
CA GLU A 15 -0.04 9.43 -5.53
C GLU A 15 -1.46 9.97 -5.43
N ASP A 16 -2.18 9.55 -4.40
CA ASP A 16 -3.55 9.99 -4.19
C ASP A 16 -3.63 11.48 -3.89
N LEU A 17 -2.77 11.95 -3.00
CA LEU A 17 -2.78 13.34 -2.58
C LEU A 17 -2.48 14.30 -3.72
N ILE A 18 -1.49 13.97 -4.55
CA ILE A 18 -1.04 14.90 -5.59
C ILE A 18 -2.02 15.00 -6.76
N GLN A 19 -3.00 14.12 -6.81
CA GLN A 19 -3.99 14.14 -7.89
C GLN A 19 -4.71 15.49 -7.97
N SER A 20 -5.14 15.99 -6.82
CA SER A 20 -5.87 17.25 -6.76
C SER A 20 -4.93 18.44 -6.63
N MET A 21 -3.66 18.22 -6.96
CA MET A 21 -2.65 19.26 -6.86
C MET A 21 -2.04 19.54 -8.24
N HIS A 22 -1.29 20.64 -8.34
CA HIS A 22 -0.66 21.01 -9.59
C HIS A 22 0.86 21.13 -9.43
N ILE A 23 1.52 20.01 -9.23
CA ILE A 23 2.97 19.97 -9.08
C ILE A 23 3.64 19.60 -10.40
N ASP A 24 4.10 20.61 -11.14
CA ASP A 24 4.66 20.39 -12.47
C ASP A 24 6.17 20.32 -12.48
N ALA A 25 6.76 19.91 -11.35
CA ALA A 25 8.20 19.77 -11.25
C ALA A 25 8.66 18.54 -12.03
N THR A 26 9.87 18.61 -12.57
CA THR A 26 10.48 17.45 -13.19
C THR A 26 11.52 16.88 -12.23
N LEU A 27 11.58 15.55 -12.16
CA LEU A 27 12.39 14.88 -11.15
C LEU A 27 13.30 13.82 -11.76
N TYR A 28 14.54 13.78 -11.28
CA TYR A 28 15.50 12.77 -11.70
C TYR A 28 14.97 11.37 -11.40
N THR A 29 14.81 10.57 -12.45
CA THR A 29 14.08 9.32 -12.35
C THR A 29 14.80 8.17 -13.01
N GLU A 30 15.22 7.20 -12.21
CA GLU A 30 15.85 6.00 -12.73
C GLU A 30 14.78 4.96 -13.00
N SER A 31 14.36 4.86 -14.25
CA SER A 31 13.30 3.94 -14.64
C SER A 31 13.86 2.55 -14.92
N ASP A 32 15.17 2.48 -15.10
CA ASP A 32 15.82 1.22 -15.43
C ASP A 32 16.96 0.95 -14.45
N VAL A 33 16.60 0.41 -13.29
CA VAL A 33 17.56 0.23 -12.21
C VAL A 33 18.47 -0.98 -12.44
N HIS A 34 19.77 -0.73 -12.46
CA HIS A 34 20.74 -1.80 -12.50
C HIS A 34 20.92 -2.31 -11.07
N PRO A 35 20.83 -3.65 -10.90
CA PRO A 35 20.92 -4.27 -9.57
C PRO A 35 22.20 -3.92 -8.81
N SER A 36 23.27 -3.61 -9.54
CA SER A 36 24.52 -3.22 -8.91
C SER A 36 24.48 -1.77 -8.43
N CYS A 37 23.47 -1.04 -8.86
CA CYS A 37 23.32 0.36 -8.47
C CYS A 37 21.94 0.64 -7.87
N LYS A 38 21.33 -0.38 -7.28
CA LYS A 38 19.96 -0.24 -6.77
C LYS A 38 19.85 0.66 -5.54
N VAL A 39 20.84 0.59 -4.65
CA VAL A 39 20.85 1.43 -3.45
C VAL A 39 21.06 2.89 -3.83
N THR A 40 21.96 3.13 -4.77
CA THR A 40 22.22 4.47 -5.27
C THR A 40 20.98 5.06 -5.91
N ALA A 41 20.30 4.25 -6.72
CA ALA A 41 19.06 4.67 -7.35
C ALA A 41 17.98 4.95 -6.31
N MET A 42 17.95 4.15 -5.25
CA MET A 42 16.95 4.35 -4.20
C MET A 42 17.17 5.68 -3.49
N LYS A 43 18.43 5.98 -3.19
CA LYS A 43 18.77 7.23 -2.50
C LYS A 43 18.45 8.46 -3.35
N CYS A 44 18.53 8.32 -4.67
CA CYS A 44 18.16 9.41 -5.58
C CYS A 44 16.66 9.66 -5.53
N PHE A 45 15.89 8.57 -5.47
CA PHE A 45 14.44 8.67 -5.34
C PHE A 45 14.07 9.35 -4.03
N LEU A 46 14.78 9.00 -2.95
CA LEU A 46 14.51 9.57 -1.64
C LEU A 46 14.83 11.05 -1.60
N LEU A 47 15.95 11.43 -2.21
CA LEU A 47 16.33 12.85 -2.31
C LEU A 47 15.27 13.66 -3.03
N GLU A 48 14.92 13.22 -4.25
CA GLU A 48 13.99 13.95 -5.10
C GLU A 48 12.60 14.01 -4.49
N LEU A 49 12.28 13.05 -3.64
CA LEU A 49 11.01 13.04 -2.92
C LEU A 49 10.84 14.32 -2.09
N GLN A 50 11.96 14.88 -1.64
CA GLN A 50 11.95 16.09 -0.84
C GLN A 50 11.46 17.29 -1.64
N VAL A 51 11.70 17.26 -2.95
CA VAL A 51 11.26 18.32 -3.84
C VAL A 51 9.75 18.37 -3.88
N ILE A 52 9.13 17.19 -3.94
CA ILE A 52 7.68 17.08 -3.93
C ILE A 52 7.13 17.67 -2.63
N SER A 53 7.79 17.35 -1.51
CA SER A 53 7.39 17.87 -0.21
C SER A 53 7.44 19.38 -0.17
N LEU A 54 8.58 19.94 -0.57
CA LEU A 54 8.76 21.39 -0.56
C LEU A 54 7.75 22.10 -1.46
N GLU A 55 7.53 21.58 -2.66
CA GLU A 55 6.70 22.26 -3.65
C GLU A 55 5.20 22.07 -3.41
N SER A 56 4.85 21.18 -2.48
CA SER A 56 3.45 20.84 -2.25
C SER A 56 2.72 21.91 -1.45
N GLY A 57 3.34 22.38 -0.37
CA GLY A 57 2.68 23.28 0.55
C GLY A 57 1.55 22.58 1.29
N ASP A 58 1.64 21.26 1.39
CA ASP A 58 0.57 20.46 1.99
C ASP A 58 1.08 19.61 3.16
N ALA A 59 0.38 19.70 4.29
CA ALA A 59 0.81 19.04 5.53
C ALA A 59 0.82 17.52 5.44
N SER A 60 -0.20 16.96 4.79
CA SER A 60 -0.29 15.51 4.64
C SER A 60 0.87 14.98 3.79
N ILE A 61 1.27 15.76 2.79
CA ILE A 61 2.44 15.43 1.97
C ILE A 61 3.70 15.48 2.82
N HIS A 62 3.81 16.52 3.65
CA HIS A 62 4.95 16.68 4.53
C HIS A 62 5.14 15.47 5.46
N ASP A 63 4.05 15.07 6.12
CA ASP A 63 4.08 13.94 7.04
C ASP A 63 4.47 12.65 6.34
N THR A 64 3.81 12.37 5.20
CA THR A 64 4.00 11.11 4.50
C THR A 64 5.40 10.96 3.93
N VAL A 65 5.90 12.01 3.28
CA VAL A 65 7.27 12.01 2.77
C VAL A 65 8.27 11.81 3.91
N GLU A 66 8.05 12.51 5.01
CA GLU A 66 8.93 12.39 6.18
C GLU A 66 8.85 10.97 6.75
N ASN A 67 7.64 10.40 6.78
CA ASN A 67 7.45 9.03 7.24
C ASN A 67 8.14 8.02 6.34
N LEU A 68 7.93 8.16 5.04
CA LEU A 68 8.51 7.28 4.04
C LEU A 68 10.04 7.24 4.16
N ILE A 69 10.64 8.43 4.25
CA ILE A 69 12.09 8.55 4.31
C ILE A 69 12.66 7.88 5.55
N ILE A 70 11.97 8.05 6.68
CA ILE A 70 12.34 7.39 7.93
C ILE A 70 12.34 5.87 7.75
N LEU A 71 11.27 5.36 7.15
CA LEU A 71 11.12 3.93 6.93
C LEU A 71 12.17 3.40 5.96
N ALA A 72 12.36 4.10 4.85
CA ALA A 72 13.31 3.69 3.83
C ALA A 72 14.74 3.67 4.37
N ASN A 73 15.15 4.77 4.99
CA ASN A 73 16.50 4.87 5.55
C ASN A 73 16.77 3.80 6.59
N ASN A 74 15.74 3.42 7.33
CA ASN A 74 15.89 2.36 8.33
C ASN A 74 16.21 1.01 7.69
N SER A 75 15.71 0.79 6.47
CA SER A 75 15.99 -0.44 5.74
C SER A 75 17.35 -0.41 5.07
N LEU A 76 17.72 0.75 4.53
CA LEU A 76 19.00 0.90 3.85
C LEU A 76 20.17 0.84 4.81
N SER A 77 19.93 1.16 6.08
CA SER A 77 20.96 1.07 7.10
C SER A 77 21.17 -0.39 7.51
N SER A 78 20.10 -1.17 7.42
CA SER A 78 20.15 -2.59 7.76
C SER A 78 20.77 -3.41 6.62
N ASN A 79 20.85 -2.80 5.44
CA ASN A 79 21.38 -3.49 4.26
C ASN A 79 22.90 -3.68 4.31
N GLY A 80 23.52 -3.21 5.39
CA GLY A 80 24.95 -3.35 5.57
C GLY A 80 25.74 -2.24 4.91
N ASN A 81 27.06 -2.31 5.04
CA ASN A 81 27.94 -1.31 4.46
C ASN A 81 28.39 -1.69 3.05
N VAL A 82 27.44 -2.19 2.25
CA VAL A 82 27.74 -2.59 0.87
C VAL A 82 27.84 -1.36 -0.02
N THR A 83 29.06 -1.05 -0.45
CA THR A 83 29.30 0.13 -1.28
C THR A 83 29.12 -0.20 -2.75
N GLU A 84 28.46 0.70 -3.48
CA GLU A 84 28.25 0.53 -4.91
C GLU A 84 29.20 1.45 -5.69
N SER A 85 29.63 1.01 -6.86
CA SER A 85 30.60 1.76 -7.65
C SER A 85 30.22 1.81 -9.12
N GLY A 86 30.67 2.85 -9.81
CA GLY A 86 30.36 3.03 -11.22
C GLY A 86 28.88 3.32 -11.43
N CYS A 87 28.29 4.07 -10.50
CA CYS A 87 26.88 4.44 -10.59
C CYS A 87 26.74 5.91 -10.97
N LYS A 88 25.68 6.22 -11.70
CA LYS A 88 25.40 7.58 -12.14
C LYS A 88 25.12 8.50 -10.96
N GLU A 89 25.46 9.78 -11.10
CA GLU A 89 25.02 10.80 -10.17
C GLU A 89 23.53 10.99 -10.41
N CYS A 90 22.82 11.46 -9.38
CA CYS A 90 21.38 11.68 -9.49
C CYS A 90 21.04 12.65 -10.63
N GLU A 91 21.93 13.62 -10.86
CA GLU A 91 21.70 14.63 -11.88
C GLU A 91 21.92 14.10 -13.29
N GLU A 92 22.48 12.89 -13.40
CA GLU A 92 22.69 12.26 -14.69
C GLU A 92 21.43 11.52 -15.17
N LEU A 93 20.44 11.41 -14.30
CA LEU A 93 19.22 10.67 -14.60
C LEU A 93 18.28 11.46 -15.52
N GLU A 94 17.40 10.75 -16.21
CA GLU A 94 16.35 11.37 -17.01
C GLU A 94 15.40 12.13 -16.10
N GLU A 95 14.94 13.29 -16.56
CA GLU A 95 13.98 14.09 -15.80
C GLU A 95 12.57 13.74 -16.25
N ASN A 97 8.01 13.76 -15.04
CA ASN A 97 6.93 14.30 -14.22
C ASN A 97 6.65 13.46 -12.98
N ILE A 98 5.87 14.00 -12.06
CA ILE A 98 5.59 13.36 -10.78
C ILE A 98 4.98 11.97 -10.97
N GLU A 100 5.31 9.72 -13.58
CA GLU A 100 6.30 8.72 -13.98
C GLU A 100 7.32 8.48 -12.88
N PHE A 101 7.71 9.55 -12.18
CA PHE A 101 8.64 9.46 -11.07
C PHE A 101 8.10 8.50 -10.01
N LEU A 102 6.85 8.72 -9.59
CA LEU A 102 6.23 7.89 -8.57
C LEU A 102 6.05 6.45 -9.03
N GLN A 103 5.71 6.29 -10.31
CA GLN A 103 5.56 4.96 -10.90
C GLN A 103 6.87 4.18 -10.86
N SER A 104 7.97 4.83 -11.24
CA SER A 104 9.27 4.17 -11.20
C SER A 104 9.74 3.95 -9.77
N PHE A 105 9.31 4.83 -8.87
CA PHE A 105 9.61 4.71 -7.45
C PHE A 105 8.98 3.43 -6.93
N VAL A 106 7.70 3.21 -7.28
CA VAL A 106 7.02 1.98 -6.93
C VAL A 106 7.74 0.77 -7.51
N HIS A 107 8.18 0.89 -8.77
CA HIS A 107 8.88 -0.19 -9.45
C HIS A 107 10.12 -0.69 -8.71
N ILE A 108 10.95 0.25 -8.25
CA ILE A 108 12.16 -0.14 -7.54
C ILE A 108 11.88 -0.67 -6.13
N VAL A 109 10.85 -0.14 -5.49
CA VAL A 109 10.48 -0.63 -4.15
C VAL A 109 9.98 -2.07 -4.23
N GLN A 110 9.16 -2.36 -5.24
CA GLN A 110 8.70 -3.72 -5.48
C GLN A 110 9.87 -4.67 -5.69
N MET A 111 10.93 -4.16 -6.32
CA MET A 111 12.13 -4.97 -6.53
C MET A 111 12.78 -5.32 -5.20
N PHE A 112 12.85 -4.35 -4.31
CA PHE A 112 13.42 -4.56 -2.98
C PHE A 112 12.57 -5.54 -2.16
N ILE A 113 11.25 -5.41 -2.27
CA ILE A 113 10.34 -6.30 -1.56
C ILE A 113 10.53 -7.75 -2.03
N ASN A 114 10.82 -7.92 -3.31
CA ASN A 114 11.00 -9.25 -3.87
C ASN A 114 12.47 -9.66 -3.97
N SER B 9 1.34 1.43 39.86
CA SER B 9 1.09 0.00 39.78
C SER B 9 0.98 -0.46 38.31
N GLN B 10 0.26 0.30 37.51
CA GLN B 10 0.11 -0.04 36.09
C GLN B 10 0.04 1.20 35.20
N PHE B 11 0.83 1.19 34.13
CA PHE B 11 0.86 2.28 33.16
C PHE B 11 0.69 1.69 31.77
N THR B 12 -0.53 1.79 31.23
CA THR B 12 -0.86 1.13 29.96
C THR B 12 -1.31 2.12 28.91
N CYS B 13 -0.67 2.08 27.74
CA CYS B 13 -1.00 2.99 26.65
C CYS B 13 -1.25 2.25 25.34
N PHE B 14 -2.10 2.83 24.50
CA PHE B 14 -2.38 2.27 23.18
C PHE B 14 -2.37 3.37 22.11
N TYR B 15 -1.82 3.02 20.95
CA TYR B 15 -1.75 3.91 19.79
C TYR B 15 -2.91 3.55 18.85
N ASN B 16 -3.64 4.55 18.38
CA ASN B 16 -4.77 4.31 17.49
C ASN B 16 -4.38 4.19 16.02
N SER B 17 -3.07 4.14 15.77
CA SER B 17 -2.47 3.96 14.45
C SER B 17 -2.37 5.25 13.64
N ARG B 18 -2.91 6.33 14.17
CA ARG B 18 -2.86 7.62 13.48
C ARG B 18 -2.17 8.68 14.34
N ALA B 19 -2.97 9.43 15.10
CA ALA B 19 -2.43 10.57 15.83
C ALA B 19 -2.93 10.65 17.28
N GLN B 20 -3.28 9.50 17.85
CA GLN B 20 -3.71 9.48 19.25
C GLN B 20 -3.11 8.33 20.05
N ILE B 21 -2.59 8.67 21.23
CA ILE B 21 -2.13 7.68 22.18
C ILE B 21 -2.95 7.79 23.47
N SER B 22 -3.72 6.75 23.76
CA SER B 22 -4.58 6.71 24.94
C SER B 22 -3.87 6.04 26.11
N CYS B 23 -3.77 6.74 27.24
CA CYS B 23 -3.03 6.23 28.39
C CYS B 23 -3.89 6.11 29.64
N VAL B 24 -3.70 5.01 30.36
CA VAL B 24 -4.33 4.81 31.66
C VAL B 24 -3.26 4.56 32.71
N TRP B 25 -3.38 5.23 33.85
CA TRP B 25 -2.43 5.05 34.94
C TRP B 25 -3.15 4.77 36.26
N SER B 26 -2.72 3.72 36.95
CA SER B 26 -3.30 3.34 38.23
C SER B 26 -2.27 3.48 39.34
N GLN B 27 -2.74 3.66 40.57
CA GLN B 27 -1.88 3.82 41.72
C GLN B 27 -2.62 3.52 43.02
N THR B 34 -2.06 16.14 44.11
CA THR B 34 -2.49 14.98 43.32
C THR B 34 -2.76 15.38 41.87
N SER B 35 -1.83 16.13 41.28
CA SER B 35 -1.95 16.58 39.90
C SER B 35 -0.94 15.85 39.01
N CYS B 36 -1.46 15.06 38.06
CA CYS B 36 -0.59 14.22 37.23
C CYS B 36 -0.84 14.40 35.74
N GLN B 37 0.16 14.03 34.94
CA GLN B 37 0.03 14.12 33.49
C GLN B 37 0.90 13.06 32.81
N VAL B 38 0.65 12.84 31.52
CA VAL B 38 1.50 11.98 30.71
C VAL B 38 2.33 12.85 29.78
N HIS B 39 3.64 12.58 29.72
CA HIS B 39 4.50 13.28 28.77
C HIS B 39 5.02 12.34 27.70
N ALA B 40 4.96 12.78 26.44
CA ALA B 40 5.44 11.99 25.31
C ALA B 40 6.68 12.63 24.69
N TRP B 41 7.77 11.88 24.63
CA TRP B 41 9.02 12.36 24.06
C TRP B 41 9.53 11.39 22.99
N PRO B 42 9.29 11.71 21.71
CA PRO B 42 9.65 10.85 20.58
C PRO B 42 11.15 10.89 20.27
N ASP B 43 11.70 9.76 19.84
CA ASP B 43 13.14 9.66 19.63
C ASP B 43 13.64 10.33 18.34
N ARG B 44 12.72 10.69 17.44
CA ARG B 44 13.15 11.30 16.18
C ARG B 44 12.13 12.26 15.54
N ARG B 45 11.24 12.81 16.36
CA ARG B 45 10.33 13.86 15.89
C ARG B 45 10.62 15.15 16.63
N ARG B 46 10.29 16.28 16.01
CA ARG B 46 10.58 17.58 16.59
C ARG B 46 9.63 17.95 17.73
N TRP B 47 8.45 17.35 17.72
CA TRP B 47 7.41 17.72 18.67
C TRP B 47 7.48 16.95 19.99
N GLN B 48 6.77 17.46 20.98
CA GLN B 48 6.52 16.73 22.23
C GLN B 48 5.05 16.89 22.56
N GLN B 49 4.50 16.01 23.40
CA GLN B 49 3.08 16.07 23.71
C GLN B 49 2.79 15.79 25.17
N THR B 50 1.73 16.41 25.68
CA THR B 50 1.35 16.31 27.08
C THR B 50 -0.17 16.21 27.19
N CYS B 51 -0.65 15.41 28.13
CA CYS B 51 -2.07 15.42 28.49
C CYS B 51 -2.25 15.32 30.00
N GLU B 52 -3.23 16.06 30.52
CA GLU B 52 -3.51 16.05 31.95
C GLU B 52 -4.29 14.79 32.32
N LEU B 53 -3.69 13.95 33.15
CA LEU B 53 -4.37 12.74 33.61
C LEU B 53 -5.58 13.07 34.46
N LEU B 54 -6.73 12.51 34.10
CA LEU B 54 -7.98 12.73 34.83
C LEU B 54 -8.53 11.43 35.35
N PRO B 55 -9.13 11.46 36.55
CA PRO B 55 -9.72 10.25 37.14
C PRO B 55 -10.87 9.72 36.29
N VAL B 56 -10.81 8.43 35.96
CA VAL B 56 -11.90 7.76 35.25
C VAL B 56 -12.56 6.78 36.20
N SER B 57 -11.87 6.53 37.32
CA SER B 57 -12.42 5.75 38.42
C SER B 57 -11.77 6.27 39.69
N GLN B 58 -11.93 5.54 40.79
CA GLN B 58 -11.33 5.95 42.06
C GLN B 58 -9.84 5.64 42.11
N ALA B 59 -9.42 4.62 41.37
CA ALA B 59 -8.03 4.18 41.42
C ALA B 59 -7.29 4.29 40.09
N SER B 60 -7.94 4.85 39.07
CA SER B 60 -7.31 4.98 37.76
C SER B 60 -7.45 6.37 37.15
N TRP B 61 -6.41 6.80 36.45
CA TRP B 61 -6.42 8.06 35.71
C TRP B 61 -6.18 7.81 34.23
N ALA B 62 -6.72 8.68 33.39
CA ALA B 62 -6.54 8.53 31.94
C ALA B 62 -6.55 9.86 31.20
N CYS B 63 -5.90 9.88 30.04
CA CYS B 63 -5.94 11.03 29.13
C CYS B 63 -5.41 10.65 27.75
N ASN B 64 -5.78 11.43 26.74
CA ASN B 64 -5.35 11.16 25.38
C ASN B 64 -4.27 12.11 24.90
N LEU B 65 -3.17 11.56 24.38
CA LEU B 65 -2.16 12.35 23.74
C LEU B 65 -2.57 12.60 22.29
N ILE B 66 -2.82 13.85 21.95
CA ILE B 66 -3.20 14.20 20.59
C ILE B 66 -1.97 14.68 19.81
N LEU B 67 -1.60 13.92 18.79
CA LEU B 67 -0.37 14.18 18.05
C LEU B 67 -0.61 14.97 16.76
N GLY B 68 -1.87 15.06 16.34
CA GLY B 68 -2.22 15.78 15.13
C GLY B 68 -3.69 15.64 14.78
N ALA B 69 -4.02 15.96 13.53
CA ALA B 69 -5.39 15.83 13.03
C ALA B 69 -5.83 14.37 13.06
N PRO B 70 -7.15 14.13 13.20
CA PRO B 70 -7.75 12.80 13.33
C PRO B 70 -7.16 11.68 12.45
N ASP B 71 -6.87 11.97 11.20
CA ASP B 71 -6.36 10.93 10.29
C ASP B 71 -4.94 11.19 9.80
N SER B 72 -4.19 12.01 10.53
CA SER B 72 -2.79 12.23 10.18
C SER B 72 -1.96 11.02 10.61
N GLN B 73 -0.88 10.77 9.88
CA GLN B 73 0.02 9.67 10.23
C GLN B 73 1.24 10.23 10.95
N LEU B 75 3.16 8.66 13.49
CA LEU B 75 4.19 7.72 13.90
C LEU B 75 4.32 6.57 12.91
N THR B 76 5.49 5.94 12.90
CA THR B 76 5.72 4.73 12.12
C THR B 76 6.28 3.65 13.03
N THR B 77 6.60 2.50 12.45
CA THR B 77 7.16 1.38 13.20
C THR B 77 8.59 1.63 13.66
N VAL B 78 9.24 2.62 13.06
CA VAL B 78 10.61 2.95 13.42
C VAL B 78 10.64 3.83 14.68
N ASP B 79 9.59 4.63 14.85
CA ASP B 79 9.51 5.57 15.96
C ASP B 79 9.48 4.88 17.32
N ILE B 80 10.24 5.42 18.26
CA ILE B 80 10.10 5.04 19.65
C ILE B 80 9.79 6.29 20.46
N VAL B 81 8.71 6.24 21.23
CA VAL B 81 8.29 7.38 22.02
C VAL B 81 8.44 7.06 23.50
N THR B 82 9.15 7.91 24.22
CA THR B 82 9.27 7.73 25.66
C THR B 82 8.07 8.35 26.35
N LEU B 83 7.31 7.52 27.07
CA LEU B 83 6.14 7.97 27.79
C LEU B 83 6.39 7.98 29.30
N ARG B 84 6.13 9.13 29.93
CA ARG B 84 6.33 9.26 31.36
C ARG B 84 5.07 9.76 32.06
N VAL B 85 4.76 9.19 33.22
CA VAL B 85 3.76 9.75 34.10
C VAL B 85 4.46 10.70 35.07
N LEU B 86 4.04 11.96 35.08
CA LEU B 86 4.61 12.95 35.98
C LEU B 86 3.54 13.41 36.95
N CYS B 87 3.85 13.32 38.25
CA CYS B 87 2.92 13.80 39.26
C CYS B 87 3.57 14.87 40.12
N ARG B 88 2.82 15.93 40.39
CA ARG B 88 3.30 17.02 41.22
C ARG B 88 3.32 16.60 42.69
N GLU B 89 4.48 16.73 43.33
CA GLU B 89 4.61 16.44 44.75
C GLU B 89 5.21 17.63 45.47
N GLY B 90 4.36 18.57 45.88
CA GLY B 90 4.81 19.78 46.54
C GLY B 90 5.44 20.76 45.56
N VAL B 91 6.68 21.15 45.84
CA VAL B 91 7.40 22.10 44.99
C VAL B 91 8.20 21.33 43.93
N ARG B 92 7.86 20.05 43.77
CA ARG B 92 8.69 19.15 42.98
C ARG B 92 7.83 18.16 42.19
N TRP B 93 8.24 17.87 40.96
CA TRP B 93 7.58 16.84 40.15
C TRP B 93 8.33 15.52 40.26
N ARG B 94 7.61 14.42 40.11
CA ARG B 94 8.24 13.09 40.14
C ARG B 94 7.75 12.22 38.98
N VAL B 95 8.63 11.36 38.48
CA VAL B 95 8.27 10.39 37.45
C VAL B 95 7.75 9.12 38.13
N MET B 96 6.47 8.82 37.90
CA MET B 96 5.82 7.69 38.56
C MET B 96 5.94 6.42 37.74
N ALA B 97 6.05 6.59 36.43
CA ALA B 97 6.13 5.45 35.52
C ALA B 97 6.78 5.91 34.22
N ILE B 98 7.52 5.00 33.60
CA ILE B 98 8.20 5.32 32.36
C ILE B 98 8.11 4.12 31.42
N GLN B 99 8.11 4.40 30.12
CA GLN B 99 7.94 3.36 29.11
C GLN B 99 8.50 3.83 27.78
N ASP B 100 9.31 2.99 27.15
CA ASP B 100 9.78 3.26 25.80
C ASP B 100 8.81 2.66 24.80
N PHE B 101 7.84 3.47 24.41
CA PHE B 101 6.67 3.01 23.66
C PHE B 101 6.97 2.75 22.19
N LYS B 102 6.86 1.49 21.77
CA LYS B 102 6.88 1.15 20.36
C LYS B 102 5.42 1.14 19.89
N PRO B 103 5.01 2.19 19.16
CA PRO B 103 3.61 2.47 18.80
C PRO B 103 2.92 1.29 18.13
N PHE B 104 3.55 0.70 17.12
CA PHE B 104 2.92 -0.36 16.36
C PHE B 104 3.02 -1.73 17.05
N GLU B 105 3.56 -1.74 18.26
CA GLU B 105 3.55 -2.94 19.08
C GLU B 105 2.42 -2.86 20.10
N ASN B 106 1.78 -1.69 20.16
CA ASN B 106 0.73 -1.43 21.14
C ASN B 106 -0.48 -0.78 20.50
N LEU B 107 -1.00 -1.41 19.46
CA LEU B 107 -2.11 -0.82 18.70
C LEU B 107 -3.47 -1.18 19.30
N ARG B 108 -4.35 -0.18 19.35
CA ARG B 108 -5.76 -0.41 19.60
C ARG B 108 -6.56 0.62 18.81
N LEU B 109 -7.32 0.14 17.83
CA LEU B 109 -8.04 1.03 16.94
C LEU B 109 -9.35 1.51 17.57
N MET B 110 -9.93 2.54 16.97
CA MET B 110 -11.28 2.95 17.33
C MET B 110 -12.25 1.87 16.91
N ALA B 111 -13.40 1.82 17.58
CA ALA B 111 -14.45 0.87 17.21
C ALA B 111 -14.92 1.14 15.78
N PRO B 112 -15.30 0.09 15.06
CA PRO B 112 -15.92 0.23 13.74
C PRO B 112 -17.12 1.18 13.80
N ILE B 113 -17.36 1.91 12.71
CA ILE B 113 -18.46 2.87 12.69
C ILE B 113 -19.34 2.67 11.47
N SER B 114 -20.39 3.48 11.39
CA SER B 114 -21.29 3.51 10.24
C SER B 114 -21.90 2.15 9.91
N LEU B 115 -22.34 1.42 10.94
CA LEU B 115 -22.99 0.14 10.72
C LEU B 115 -24.35 0.35 10.08
N GLN B 116 -24.64 -0.46 9.07
CA GLN B 116 -25.93 -0.37 8.39
C GLN B 116 -26.32 -1.71 7.80
N VAL B 117 -27.62 -1.92 7.65
CA VAL B 117 -28.13 -3.09 6.95
C VAL B 117 -28.04 -2.84 5.46
N VAL B 118 -27.32 -3.71 4.74
CA VAL B 118 -27.27 -3.63 3.29
C VAL B 118 -28.59 -4.13 2.72
N HIS B 119 -28.99 -5.33 3.14
CA HIS B 119 -30.28 -5.90 2.74
CA HIS B 119 -30.27 -5.90 2.75
C HIS B 119 -30.74 -6.92 3.78
N VAL B 120 -32.05 -6.96 4.02
CA VAL B 120 -32.59 -7.91 4.99
C VAL B 120 -33.69 -8.76 4.37
N GLU B 121 -33.69 -10.04 4.72
CA GLU B 121 -34.72 -10.95 4.26
C GLU B 121 -35.40 -11.56 5.48
N THR B 122 -36.16 -12.63 5.26
CA THR B 122 -36.85 -13.30 6.35
C THR B 122 -35.88 -14.09 7.25
N HIS B 123 -34.87 -14.69 6.64
CA HIS B 123 -33.93 -15.54 7.38
C HIS B 123 -32.47 -15.10 7.24
N ARG B 124 -32.24 -14.02 6.49
CA ARG B 124 -30.87 -13.57 6.20
C ARG B 124 -30.76 -12.06 6.34
N CYS B 125 -29.54 -11.59 6.57
CA CYS B 125 -29.28 -10.15 6.68
C CYS B 125 -27.82 -9.83 6.40
N ASN B 126 -27.58 -8.96 5.43
CA ASN B 126 -26.24 -8.50 5.11
C ASN B 126 -25.99 -7.14 5.77
N ILE B 127 -24.95 -7.07 6.60
CA ILE B 127 -24.65 -5.87 7.37
C ILE B 127 -23.24 -5.37 7.08
N SER B 128 -23.10 -4.08 6.80
CA SER B 128 -21.79 -3.52 6.50
C SER B 128 -21.38 -2.48 7.55
N TRP B 129 -20.09 -2.18 7.57
CA TRP B 129 -19.56 -1.17 8.48
C TRP B 129 -18.32 -0.54 7.86
N GLU B 130 -17.76 0.44 8.56
CA GLU B 130 -16.51 1.06 8.16
C GLU B 130 -15.61 1.12 9.37
N ILE B 131 -14.32 1.38 9.15
CA ILE B 131 -13.39 1.55 10.25
C ILE B 131 -12.96 3.00 10.35
N SER B 132 -12.53 3.40 11.55
CA SER B 132 -12.19 4.80 11.81
C SER B 132 -10.72 4.95 12.16
N GLN B 133 -10.10 5.97 11.58
CA GLN B 133 -8.72 6.34 11.90
C GLN B 133 -7.77 5.16 11.90
N ALA B 134 -7.90 4.30 10.90
CA ALA B 134 -7.02 3.16 10.73
C ALA B 134 -5.94 3.51 9.71
N SER B 135 -4.68 3.32 10.11
CA SER B 135 -3.54 3.66 9.26
C SER B 135 -3.58 2.95 7.91
N HIS B 136 -3.19 3.66 6.87
CA HIS B 136 -3.05 3.07 5.54
C HIS B 136 -1.94 2.02 5.50
N TYR B 137 -1.04 2.05 6.48
CA TYR B 137 0.04 1.07 6.59
C TYR B 137 -0.49 -0.36 6.71
N PHE B 138 -1.69 -0.50 7.27
CA PHE B 138 -2.28 -1.81 7.48
C PHE B 138 -2.67 -2.50 6.18
N GLU B 139 -3.01 -1.70 5.17
CA GLU B 139 -3.57 -2.23 3.93
C GLU B 139 -4.77 -3.11 4.26
N ARG B 140 -4.69 -4.38 3.88
CA ARG B 140 -5.77 -5.32 4.18
C ARG B 140 -5.39 -6.27 5.31
N HIS B 141 -4.32 -5.95 6.02
CA HIS B 141 -3.83 -6.78 7.11
C HIS B 141 -4.61 -6.49 8.38
N LEU B 142 -5.92 -6.75 8.33
CA LEU B 142 -6.81 -6.51 9.46
C LEU B 142 -7.76 -7.69 9.61
N GLU B 143 -8.37 -7.80 10.78
CA GLU B 143 -9.41 -8.81 11.00
C GLU B 143 -10.51 -8.25 11.91
N PHE B 144 -11.67 -8.88 11.85
CA PHE B 144 -12.82 -8.39 12.61
C PHE B 144 -13.44 -9.51 13.44
N GLU B 145 -14.16 -9.12 14.48
CA GLU B 145 -15.00 -10.03 15.23
C GLU B 145 -16.39 -9.42 15.40
N ALA B 146 -17.41 -10.25 15.26
CA ALA B 146 -18.78 -9.76 15.41
C ALA B 146 -19.60 -10.68 16.31
N ARG B 147 -20.72 -10.15 16.80
CA ARG B 147 -21.63 -10.93 17.61
C ARG B 147 -23.05 -10.40 17.47
N THR B 148 -24.01 -11.30 17.56
CA THR B 148 -25.41 -10.96 17.36
C THR B 148 -26.21 -11.20 18.63
N LEU B 149 -26.97 -10.20 19.04
CA LEU B 149 -27.81 -10.32 20.22
C LEU B 149 -29.16 -10.94 19.86
N SER B 150 -29.48 -12.06 20.50
CA SER B 150 -30.73 -12.76 20.25
C SER B 150 -31.76 -12.43 21.34
N PRO B 151 -33.06 -12.47 20.99
CA PRO B 151 -34.19 -12.11 21.87
C PRO B 151 -34.12 -12.61 23.31
N GLY B 152 -33.96 -13.91 23.49
CA GLY B 152 -34.02 -14.49 24.83
C GLY B 152 -32.67 -14.63 25.50
N HIS B 153 -31.68 -13.88 25.04
CA HIS B 153 -30.33 -14.02 25.56
C HIS B 153 -29.61 -12.69 25.73
N THR B 154 -28.38 -12.75 26.22
CA THR B 154 -27.61 -11.54 26.51
C THR B 154 -26.37 -11.44 25.62
N TRP B 155 -25.69 -10.30 25.70
CA TRP B 155 -24.50 -10.05 24.87
C TRP B 155 -23.38 -11.05 25.16
N GLU B 156 -23.22 -11.42 26.42
CA GLU B 156 -22.17 -12.33 26.83
C GLU B 156 -22.39 -13.74 26.30
N GLU B 157 -23.66 -14.09 26.07
CA GLU B 157 -24.02 -15.39 25.54
C GLU B 157 -23.86 -15.46 24.01
N ALA B 158 -23.63 -14.30 23.40
CA ALA B 158 -23.54 -14.24 21.94
C ALA B 158 -22.24 -14.82 21.42
N PRO B 159 -22.33 -15.73 20.44
CA PRO B 159 -21.16 -16.35 19.82
C PRO B 159 -20.27 -15.31 19.14
N LEU B 160 -18.96 -15.42 19.31
CA LEU B 160 -18.02 -14.54 18.63
C LEU B 160 -17.83 -14.99 17.19
N LEU B 161 -18.27 -14.17 16.25
CA LEU B 161 -18.11 -14.49 14.84
C LEU B 161 -16.77 -13.94 14.34
N THR B 162 -15.99 -14.81 13.70
CA THR B 162 -14.62 -14.46 13.34
C THR B 162 -14.46 -14.17 11.85
N LEU B 163 -13.90 -13.00 11.53
CA LEU B 163 -13.53 -12.66 10.17
C LEU B 163 -12.01 -12.46 10.09
N GLN B 165 -10.04 -11.79 7.75
CA GLN B 165 -9.62 -11.02 6.60
C GLN B 165 -10.26 -9.64 6.74
N GLN B 167 -12.81 -7.88 5.81
CA GLN B 167 -14.13 -7.95 5.21
C GLN B 167 -15.07 -7.07 6.01
N GLU B 168 -15.52 -5.98 5.39
CA GLU B 168 -16.30 -4.97 6.10
C GLU B 168 -17.80 -5.23 5.99
N TRP B 169 -18.17 -6.50 5.93
CA TRP B 169 -19.56 -6.90 5.91
C TRP B 169 -19.71 -8.34 6.40
N ILE B 170 -20.92 -8.71 6.77
CA ILE B 170 -21.21 -10.08 7.15
C ILE B 170 -22.65 -10.42 6.77
N CYS B 171 -22.86 -11.62 6.27
CA CYS B 171 -24.20 -12.07 5.93
C CYS B 171 -24.65 -13.11 6.94
N LEU B 172 -25.44 -12.68 7.91
CA LEU B 172 -25.95 -13.58 8.94
C LEU B 172 -26.95 -14.54 8.34
N GLU B 173 -26.70 -15.83 8.49
CA GLU B 173 -27.61 -16.86 7.98
C GLU B 173 -28.41 -17.47 9.12
N THR B 174 -29.43 -18.25 8.77
CA THR B 174 -30.21 -19.02 9.73
C THR B 174 -30.87 -18.14 10.79
N LEU B 175 -31.41 -17.01 10.36
CA LEU B 175 -32.16 -16.13 11.25
C LEU B 175 -33.62 -16.54 11.29
N THR B 176 -34.35 -16.02 12.27
CA THR B 176 -35.78 -16.29 12.42
C THR B 176 -36.56 -15.08 11.89
N PRO B 177 -37.63 -15.34 11.11
CA PRO B 177 -38.46 -14.26 10.58
C PRO B 177 -39.08 -13.39 11.67
N ASP B 178 -39.38 -12.13 11.34
CA ASP B 178 -40.11 -11.22 12.21
C ASP B 178 -39.48 -11.13 13.60
N THR B 179 -38.17 -10.95 13.64
CA THR B 179 -37.41 -11.01 14.88
C THR B 179 -36.46 -9.84 15.01
N GLN B 180 -36.40 -9.23 16.19
CA GLN B 180 -35.45 -8.16 16.44
C GLN B 180 -34.09 -8.72 16.81
N TYR B 181 -33.05 -8.19 16.16
CA TYR B 181 -31.68 -8.56 16.50
C TYR B 181 -30.88 -7.29 16.74
N GLU B 182 -29.77 -7.42 17.44
CA GLU B 182 -28.78 -6.36 17.54
C GLU B 182 -27.41 -6.90 17.13
N PHE B 183 -26.55 -6.04 16.61
CA PHE B 183 -25.30 -6.47 16.02
C PHE B 183 -24.13 -5.56 16.39
N GLN B 184 -23.01 -6.17 16.75
CA GLN B 184 -21.80 -5.43 17.09
C GLN B 184 -20.58 -6.00 16.36
N VAL B 185 -19.59 -5.15 16.12
CA VAL B 185 -18.36 -5.60 15.47
C VAL B 185 -17.17 -4.82 16.01
N ARG B 186 -16.03 -5.51 16.14
CA ARG B 186 -14.79 -4.86 16.56
C ARG B 186 -13.66 -5.23 15.62
N VAL B 187 -12.59 -4.42 15.64
CA VAL B 187 -11.51 -4.57 14.68
C VAL B 187 -10.15 -4.63 15.36
N PRO B 189 -5.76 -4.94 14.15
CA PRO B 189 -4.66 -5.18 13.20
C PRO B 189 -3.97 -6.48 13.56
N LEU B 190 -3.31 -7.11 12.58
CA LEU B 190 -2.56 -8.35 12.84
C LEU B 190 -1.20 -8.07 13.45
N GLN B 191 -0.72 -6.84 13.30
CA GLN B 191 0.62 -6.47 13.75
C GLN B 191 0.66 -6.09 15.24
N GLY B 192 1.78 -6.40 15.90
CA GLY B 192 2.02 -5.90 17.23
C GLY B 192 1.83 -6.91 18.34
N GLU B 193 2.83 -7.02 19.21
CA GLU B 193 2.84 -8.02 20.28
C GLU B 193 1.75 -7.76 21.33
N PHE B 194 1.50 -6.50 21.64
CA PHE B 194 0.55 -6.14 22.69
C PHE B 194 -0.76 -5.60 22.14
N THR B 195 -0.91 -5.68 20.82
N THR B 195 -0.91 -5.66 20.82
CA THR B 195 -2.10 -5.20 20.14
CA THR B 195 -2.10 -5.19 20.15
C THR B 195 -3.37 -5.91 20.62
C THR B 195 -3.35 -5.90 20.64
N THR B 196 -4.40 -5.14 20.93
CA THR B 196 -5.66 -5.69 21.40
C THR B 196 -6.83 -5.22 20.55
N TRP B 197 -7.99 -5.84 20.75
CA TRP B 197 -9.21 -5.50 20.02
C TRP B 197 -9.68 -4.09 20.30
N SER B 198 -10.29 -3.47 19.30
CA SER B 198 -10.95 -2.19 19.49
C SER B 198 -12.14 -2.39 20.43
N PRO B 199 -12.67 -1.30 20.99
CA PRO B 199 -13.95 -1.45 21.69
C PRO B 199 -15.02 -1.93 20.73
N TRP B 200 -16.11 -2.50 21.23
CA TRP B 200 -17.22 -2.87 20.37
C TRP B 200 -17.85 -1.62 19.77
N SER B 201 -18.25 -1.71 18.50
CA SER B 201 -19.01 -0.64 17.86
C SER B 201 -20.32 -0.43 18.61
N GLN B 202 -20.99 0.67 18.31
CA GLN B 202 -22.35 0.87 18.78
C GLN B 202 -23.21 -0.23 18.16
N PRO B 203 -24.10 -0.84 18.96
CA PRO B 203 -24.93 -1.91 18.43
C PRO B 203 -25.86 -1.41 17.34
N LEU B 204 -26.07 -2.23 16.31
CA LEU B 204 -27.01 -1.91 15.25
C LEU B 204 -28.25 -2.79 15.42
N ALA B 205 -29.40 -2.16 15.56
CA ALA B 205 -30.65 -2.90 15.69
C ALA B 205 -31.32 -3.06 14.32
N PHE B 206 -31.88 -4.24 14.09
CA PHE B 206 -32.62 -4.50 12.85
C PHE B 206 -33.66 -5.59 13.05
N ARG B 207 -34.55 -5.73 12.06
CA ARG B 207 -35.57 -6.77 12.11
C ARG B 207 -35.56 -7.57 10.81
N THR B 208 -35.69 -8.89 10.94
CA THR B 208 -35.89 -9.74 9.78
C THR B 208 -37.33 -9.53 9.29
N LYS B 209 -37.54 -9.68 7.99
CA LYS B 209 -38.88 -9.55 7.43
C LYS B 209 -39.82 -10.64 7.96
N PRO B 210 -41.12 -10.32 8.05
CA PRO B 210 -42.13 -11.28 8.52
C PRO B 210 -42.19 -12.54 7.65
N PRO C 3 3.45 -0.51 -45.32
CA PRO C 3 3.98 -1.59 -44.49
C PRO C 3 2.92 -2.17 -43.56
N LEU C 4 2.47 -3.39 -43.88
CA LEU C 4 1.40 -4.05 -43.12
C LEU C 4 1.80 -4.26 -41.66
N PRO C 5 0.95 -3.82 -40.73
CA PRO C 5 1.22 -3.92 -39.29
C PRO C 5 1.38 -5.36 -38.82
N LEU C 6 2.41 -5.61 -38.01
CA LEU C 6 2.62 -6.92 -37.42
C LEU C 6 1.66 -7.13 -36.26
N PRO C 7 1.33 -8.39 -35.95
CA PRO C 7 0.48 -8.68 -34.80
C PRO C 7 1.17 -8.30 -33.50
N GLU C 8 0.39 -7.98 -32.47
CA GLU C 8 0.97 -7.65 -31.17
C GLU C 8 1.44 -8.91 -30.46
N VAL C 9 2.62 -8.82 -29.85
CA VAL C 9 3.15 -9.91 -29.05
C VAL C 9 2.65 -9.76 -27.61
N GLN C 10 2.09 -10.83 -27.07
CA GLN C 10 1.66 -10.85 -25.67
C GLN C 10 2.49 -11.84 -24.87
N CYS C 11 3.18 -11.33 -23.85
CA CYS C 11 4.00 -12.18 -23.01
C CYS C 11 3.40 -12.31 -21.62
N PHE C 12 3.44 -13.53 -21.08
CA PHE C 12 3.04 -13.78 -19.70
C PHE C 12 4.07 -14.65 -19.01
N VAL C 13 4.42 -14.26 -17.79
CA VAL C 13 5.37 -15.03 -17.01
C VAL C 13 4.62 -15.93 -16.04
N PHE C 14 4.63 -17.23 -16.32
CA PHE C 14 3.85 -18.18 -15.54
C PHE C 14 4.57 -18.68 -14.31
N ASN C 15 4.18 -18.13 -13.16
CA ASN C 15 4.72 -18.50 -11.86
C ASN C 15 6.23 -18.31 -11.75
N VAL C 16 6.77 -17.44 -12.61
CA VAL C 16 8.21 -17.20 -12.72
C VAL C 16 8.98 -18.52 -12.89
N GLU C 17 8.44 -19.38 -13.74
CA GLU C 17 9.12 -20.63 -14.08
C GLU C 17 9.45 -20.65 -15.57
N TYR C 18 8.55 -20.07 -16.36
CA TYR C 18 8.81 -19.84 -17.77
C TYR C 18 7.92 -18.72 -18.30
N MET C 19 8.18 -18.28 -19.53
CA MET C 19 7.39 -17.24 -20.15
C MET C 19 7.01 -17.60 -21.59
N ASN C 20 5.71 -17.59 -21.87
CA ASN C 20 5.22 -17.71 -23.24
C ASN C 20 4.97 -16.34 -23.85
N CYS C 21 5.62 -16.06 -24.98
CA CYS C 21 5.35 -14.84 -25.75
C CYS C 21 4.64 -15.22 -27.04
N THR C 22 3.35 -14.95 -27.13
CA THR C 22 2.56 -15.40 -28.28
C THR C 22 2.01 -14.26 -29.13
N TRP C 23 1.61 -14.60 -30.35
CA TRP C 23 0.97 -13.66 -31.25
C TRP C 23 -0.02 -14.38 -32.16
N GLN C 24 -1.12 -13.72 -32.52
CA GLN C 24 -2.11 -14.32 -33.40
C GLN C 24 -1.56 -14.48 -34.81
N SER C 25 -1.42 -15.73 -35.24
CA SER C 25 -0.81 -16.03 -36.53
C SER C 25 -1.74 -15.79 -37.72
N SER C 26 -3.05 -15.76 -37.45
CA SER C 26 -4.03 -15.56 -38.51
C SER C 26 -4.05 -14.11 -38.99
N SER C 27 -5.05 -13.78 -39.81
CA SER C 27 -5.19 -12.45 -40.38
C SER C 27 -3.96 -12.02 -41.18
N GLU C 28 -3.21 -13.00 -41.67
CA GLU C 28 -2.05 -12.76 -42.50
C GLU C 28 -2.31 -13.29 -43.90
N PRO C 29 -2.17 -12.43 -44.92
CA PRO C 29 -2.44 -12.80 -46.32
C PRO C 29 -1.55 -13.94 -46.79
N GLN C 30 -0.26 -13.87 -46.46
CA GLN C 30 0.68 -14.92 -46.81
C GLN C 30 1.22 -15.60 -45.55
N PRO C 31 1.24 -16.94 -45.56
CA PRO C 31 1.77 -17.71 -44.42
C PRO C 31 3.27 -17.46 -44.25
N THR C 32 3.66 -17.06 -43.03
CA THR C 32 5.04 -16.70 -42.76
C THR C 32 5.44 -17.08 -41.34
N ASN C 33 6.66 -17.57 -41.18
CA ASN C 33 7.23 -17.78 -39.86
C ASN C 33 7.87 -16.50 -39.35
N LEU C 34 7.12 -15.76 -38.53
CA LEU C 34 7.63 -14.52 -37.95
C LEU C 34 8.78 -14.81 -36.99
N THR C 35 9.76 -13.93 -36.96
CA THR C 35 10.93 -14.11 -36.10
C THR C 35 10.81 -13.29 -34.83
N LEU C 36 11.37 -13.80 -33.74
CA LEU C 36 11.39 -13.07 -32.49
C LEU C 36 12.80 -13.00 -31.91
N HIS C 37 13.20 -11.79 -31.54
CA HIS C 37 14.43 -11.57 -30.81
C HIS C 37 14.09 -10.87 -29.49
N TYR C 38 14.98 -10.96 -28.52
CA TYR C 38 14.74 -10.29 -27.25
C TYR C 38 16.02 -9.88 -26.53
N TRP C 39 15.88 -8.87 -25.67
CA TRP C 39 16.93 -8.49 -24.75
C TRP C 39 16.32 -7.71 -23.59
N TYR C 40 17.15 -7.38 -22.61
CA TYR C 40 16.68 -6.60 -21.47
C TYR C 40 17.41 -5.26 -21.43
N ASN C 42 19.28 -2.12 -19.80
CA ASN C 42 20.28 -2.06 -18.73
C ASN C 42 20.81 -3.46 -18.41
N SER C 43 21.21 -3.67 -17.15
CA SER C 43 21.71 -4.95 -16.69
C SER C 43 22.84 -5.52 -17.55
N ASP C 44 23.09 -6.82 -17.40
CA ASP C 44 24.09 -7.51 -18.18
C ASP C 44 23.40 -8.43 -19.17
N ASN C 45 22.18 -8.06 -19.55
CA ASN C 45 21.37 -8.87 -20.44
C ASN C 45 20.89 -8.09 -21.65
N ASP C 46 21.65 -7.08 -22.03
CA ASP C 46 21.25 -6.18 -23.11
C ASP C 46 21.73 -6.66 -24.48
N VAL C 48 21.17 -9.00 -27.89
CA VAL C 48 20.10 -9.55 -28.70
C VAL C 48 20.14 -11.08 -28.71
N GLN C 49 19.06 -11.70 -28.27
CA GLN C 49 18.95 -13.16 -28.27
C GLN C 49 17.96 -13.60 -29.32
N LYS C 50 18.25 -14.70 -30.00
CA LYS C 50 17.28 -15.33 -30.87
C LYS C 50 16.43 -16.27 -30.04
N CYS C 51 15.15 -16.36 -30.36
CA CYS C 51 14.26 -17.29 -29.66
C CYS C 51 14.77 -18.71 -29.87
N SER C 52 15.01 -19.41 -28.76
CA SER C 52 15.56 -20.77 -28.83
C SER C 52 14.48 -21.83 -28.69
N HIS C 53 13.23 -21.40 -28.67
CA HIS C 53 12.10 -22.30 -28.50
C HIS C 53 10.84 -21.71 -29.10
N TYR C 54 10.75 -21.75 -30.43
CA TYR C 54 9.58 -21.24 -31.13
C TYR C 54 8.34 -22.08 -30.88
N LEU C 55 7.19 -21.44 -30.84
CA LEU C 55 5.92 -22.14 -30.69
C LEU C 55 5.18 -22.07 -32.02
N PHE C 56 4.45 -23.12 -32.34
CA PHE C 56 3.79 -23.22 -33.65
C PHE C 56 2.29 -23.46 -33.57
N SER C 57 1.54 -22.70 -34.36
CA SER C 57 0.12 -22.93 -34.56
C SER C 57 -0.13 -23.02 -36.05
N GLU C 58 -0.67 -24.16 -36.49
CA GLU C 58 -0.92 -24.43 -37.90
C GLU C 58 0.36 -24.35 -38.73
N GLU C 59 1.41 -25.00 -38.23
CA GLU C 59 2.68 -25.16 -38.94
C GLU C 59 3.51 -23.88 -39.13
N ILE C 60 3.06 -22.78 -38.53
CA ILE C 60 3.85 -21.55 -38.55
C ILE C 60 4.07 -21.01 -37.14
N THR C 61 5.13 -20.22 -36.98
CA THR C 61 5.48 -19.66 -35.67
C THR C 61 4.36 -18.79 -35.11
N SER C 62 3.95 -19.10 -33.88
CA SER C 62 2.87 -18.38 -33.24
C SER C 62 3.32 -17.86 -31.88
N GLY C 63 4.56 -18.17 -31.52
CA GLY C 63 5.08 -17.73 -30.24
C GLY C 63 6.51 -18.13 -29.94
N CYS C 64 6.96 -17.77 -28.74
CA CYS C 64 8.29 -18.09 -28.25
C CYS C 64 8.25 -18.32 -26.75
N GLN C 65 9.02 -19.29 -26.27
CA GLN C 65 9.07 -19.58 -24.85
C GLN C 65 10.46 -19.37 -24.26
N LEU C 66 10.52 -18.62 -23.17
CA LEU C 66 11.79 -18.40 -22.46
C LEU C 66 11.79 -19.20 -21.16
N GLN C 67 12.97 -19.68 -20.78
CA GLN C 67 13.09 -20.44 -19.54
C GLN C 67 13.37 -19.52 -18.35
N LYS C 68 13.32 -20.09 -17.15
CA LYS C 68 13.45 -19.32 -15.91
C LYS C 68 14.69 -18.44 -15.86
N LYS C 69 15.82 -18.99 -16.31
CA LYS C 69 17.09 -18.29 -16.25
C LYS C 69 17.14 -17.08 -17.20
N GLU C 70 16.20 -17.01 -18.14
CA GLU C 70 16.14 -15.92 -19.11
CA GLU C 70 16.17 -15.91 -19.09
C GLU C 70 15.15 -14.85 -18.67
N ILE C 71 14.58 -15.02 -17.49
CA ILE C 71 13.55 -14.11 -17.01
C ILE C 71 14.07 -13.12 -15.97
N HIS C 72 13.88 -11.83 -16.26
CA HIS C 72 14.27 -10.78 -15.33
C HIS C 72 13.10 -9.83 -15.10
N LEU C 73 12.48 -9.94 -13.93
CA LEU C 73 11.23 -9.25 -13.65
C LEU C 73 11.35 -7.73 -13.58
N TYR C 74 12.49 -7.25 -13.11
CA TYR C 74 12.61 -5.83 -12.76
C TYR C 74 13.48 -5.03 -13.72
N GLN C 75 13.75 -5.62 -14.87
CA GLN C 75 14.44 -4.93 -15.96
C GLN C 75 13.52 -5.02 -17.17
N THR C 76 13.35 -3.91 -17.88
CA THR C 76 12.44 -3.87 -19.02
C THR C 76 12.76 -4.93 -20.07
N PHE C 77 11.75 -5.73 -20.43
CA PHE C 77 11.91 -6.77 -21.43
C PHE C 77 11.56 -6.22 -22.80
N VAL C 78 12.43 -6.47 -23.78
CA VAL C 78 12.23 -5.95 -25.13
C VAL C 78 12.13 -7.08 -26.15
N VAL C 79 11.02 -7.13 -26.86
CA VAL C 79 10.85 -8.12 -27.93
C VAL C 79 10.78 -7.46 -29.29
N GLN C 80 11.42 -8.09 -30.27
CA GLN C 80 11.37 -7.61 -31.64
C GLN C 80 10.76 -8.66 -32.56
N LEU C 81 9.58 -8.36 -33.08
CA LEU C 81 8.92 -9.22 -34.05
C LEU C 81 9.25 -8.70 -35.45
N GLN C 82 9.56 -9.61 -36.36
CA GLN C 82 9.94 -9.21 -37.72
C GLN C 82 9.47 -10.23 -38.76
N ASP C 83 9.12 -9.74 -39.94
CA ASP C 83 8.76 -10.59 -41.06
C ASP C 83 9.98 -10.80 -41.94
N PRO C 84 10.45 -12.06 -42.03
CA PRO C 84 11.64 -12.38 -42.82
C PRO C 84 11.42 -12.16 -44.32
N ARG C 85 10.17 -12.29 -44.77
CA ARG C 85 9.84 -12.13 -46.18
C ARG C 85 9.70 -10.65 -46.55
N GLU C 86 9.42 -9.82 -45.55
CA GLU C 86 9.39 -8.38 -45.75
C GLU C 86 10.02 -7.70 -44.54
N PRO C 87 11.35 -7.52 -44.57
CA PRO C 87 12.16 -7.00 -43.45
C PRO C 87 11.69 -5.65 -42.94
N ARG C 88 11.05 -4.86 -43.80
CA ARG C 88 10.51 -3.57 -43.41
C ARG C 88 9.49 -3.72 -42.29
N ARG C 89 8.75 -4.81 -42.32
CA ARG C 89 7.80 -5.13 -41.26
C ARG C 89 8.53 -5.57 -40.00
N GLN C 90 8.84 -4.59 -39.13
CA GLN C 90 9.52 -4.86 -37.87
C GLN C 90 8.86 -4.09 -36.74
N ALA C 91 8.68 -4.75 -35.60
CA ALA C 91 8.02 -4.13 -34.46
C ALA C 91 8.76 -4.40 -33.17
N THR C 92 8.85 -3.39 -32.32
CA THR C 92 9.52 -3.52 -31.05
C THR C 92 8.55 -3.24 -29.92
N GLN C 93 8.53 -4.10 -28.91
CA GLN C 93 7.69 -3.89 -27.75
C GLN C 93 8.53 -3.92 -26.48
N MET C 94 8.21 -3.02 -25.56
CA MET C 94 8.91 -2.95 -24.29
C MET C 94 7.94 -3.29 -23.17
N LEU C 95 8.26 -4.33 -22.42
CA LEU C 95 7.34 -4.88 -21.44
C LEU C 95 7.91 -4.85 -20.03
N LEU C 97 7.76 -7.04 -16.95
CA LEU C 97 7.38 -8.40 -16.60
C LEU C 97 6.77 -8.55 -15.20
N GLN C 98 7.07 -7.62 -14.30
CA GLN C 98 6.52 -7.71 -12.95
C GLN C 98 5.02 -7.42 -12.95
N ASN C 99 4.53 -6.85 -14.05
CA ASN C 99 3.10 -6.63 -14.20
C ASN C 99 2.46 -7.70 -15.07
N LEU C 100 3.25 -8.71 -15.44
CA LEU C 100 2.80 -9.72 -16.38
C LEU C 100 2.98 -11.14 -15.82
N VAL C 101 3.23 -11.22 -14.52
CA VAL C 101 3.35 -12.52 -13.87
C VAL C 101 1.97 -13.12 -13.59
N ILE C 102 1.79 -14.37 -14.00
CA ILE C 102 0.58 -15.11 -13.68
C ILE C 102 0.94 -16.36 -12.91
N PRO C 103 0.59 -16.39 -11.61
CA PRO C 103 0.94 -17.54 -10.77
C PRO C 103 0.07 -18.74 -11.10
N TRP C 104 0.52 -19.94 -10.72
CA TRP C 104 -0.32 -21.11 -10.85
C TRP C 104 -1.50 -20.98 -9.92
N ALA C 105 -2.58 -21.70 -10.21
CA ALA C 105 -3.76 -21.68 -9.36
C ALA C 105 -3.39 -22.20 -7.97
N PRO C 106 -4.03 -21.64 -6.94
CA PRO C 106 -3.86 -22.14 -5.57
C PRO C 106 -4.24 -23.63 -5.51
N GLU C 107 -3.67 -24.37 -4.58
CA GLU C 107 -4.00 -25.78 -4.45
C GLU C 107 -4.15 -26.20 -3.00
N ASN C 108 -4.56 -27.45 -2.79
CA ASN C 108 -4.72 -28.02 -1.45
C ASN C 108 -5.68 -27.23 -0.57
N LEU C 109 -6.79 -26.79 -1.16
CA LEU C 109 -7.84 -26.14 -0.39
C LEU C 109 -8.36 -27.09 0.70
N THR C 110 -8.44 -26.58 1.93
CA THR C 110 -8.95 -27.36 3.05
C THR C 110 -9.97 -26.55 3.85
N LEU C 111 -10.95 -27.24 4.41
CA LEU C 111 -11.93 -26.61 5.29
C LEU C 111 -11.88 -27.27 6.65
N HIS C 112 -12.01 -26.48 7.70
CA HIS C 112 -12.16 -27.04 9.04
C HIS C 112 -13.10 -26.19 9.90
N LYS C 113 -13.82 -26.85 10.79
CA LYS C 113 -14.79 -26.17 11.64
C LYS C 113 -14.08 -25.38 12.74
N LEU C 114 -14.23 -24.07 12.71
CA LEU C 114 -13.69 -23.20 13.73
C LEU C 114 -14.55 -23.29 14.97
N SER C 115 -15.84 -23.46 14.74
CA SER C 115 -16.84 -23.47 15.80
C SER C 115 -18.14 -23.94 15.19
N GLU C 116 -19.23 -23.77 15.92
CA GLU C 116 -20.54 -24.07 15.39
C GLU C 116 -20.83 -23.08 14.27
N SER C 117 -21.17 -23.63 13.10
CA SER C 117 -21.58 -22.83 11.95
C SER C 117 -20.50 -21.86 11.46
N GLN C 118 -19.24 -22.12 11.80
CA GLN C 118 -18.15 -21.31 11.28
C GLN C 118 -17.08 -22.16 10.60
N LEU C 119 -16.65 -21.70 9.42
CA LEU C 119 -15.67 -22.44 8.62
C LEU C 119 -14.43 -21.61 8.31
N GLU C 120 -13.28 -22.28 8.23
CA GLU C 120 -12.05 -21.63 7.79
C GLU C 120 -11.44 -22.36 6.60
N LEU C 121 -11.17 -21.59 5.55
CA LEU C 121 -10.61 -22.13 4.32
C LEU C 121 -9.11 -21.85 4.28
N ASN C 122 -8.32 -22.88 4.03
CA ASN C 122 -6.88 -22.71 3.85
C ASN C 122 -6.43 -23.22 2.50
N TRP C 123 -5.31 -22.71 2.00
CA TRP C 123 -4.76 -23.17 0.73
C TRP C 123 -3.26 -22.94 0.62
N ASN C 124 -2.66 -23.52 -0.42
CA ASN C 124 -1.24 -23.32 -0.70
C ASN C 124 -1.03 -22.72 -2.09
N ASN C 125 0.08 -22.02 -2.26
CA ASN C 125 0.49 -21.55 -3.58
C ASN C 125 1.93 -21.99 -3.86
N ARG C 126 2.20 -22.46 -5.07
CA ARG C 126 3.57 -22.79 -5.47
C ARG C 126 4.34 -21.51 -5.79
N PHE C 127 4.44 -20.62 -4.81
CA PHE C 127 5.00 -19.29 -5.03
C PHE C 127 5.23 -18.60 -3.69
N LEU C 128 6.18 -17.67 -3.67
CA LEU C 128 6.41 -16.84 -2.48
C LEU C 128 5.11 -16.17 -2.06
N ASN C 129 4.77 -16.32 -0.79
CA ASN C 129 3.46 -15.88 -0.29
C ASN C 129 3.15 -14.39 -0.47
N HIS C 130 4.07 -13.53 -0.06
CA HIS C 130 3.76 -12.10 0.03
C HIS C 130 3.64 -11.37 -1.30
N CYS C 131 4.04 -12.01 -2.39
CA CYS C 131 3.89 -11.43 -3.72
C CYS C 131 2.50 -11.69 -4.30
N LEU C 132 1.66 -12.38 -3.52
CA LEU C 132 0.35 -12.77 -4.01
C LEU C 132 -0.80 -12.17 -3.21
N GLU C 133 -1.85 -11.79 -3.93
CA GLU C 133 -3.14 -11.48 -3.31
C GLU C 133 -4.13 -12.52 -3.81
N HIS C 134 -5.29 -12.60 -3.19
CA HIS C 134 -6.22 -13.67 -3.52
C HIS C 134 -7.67 -13.22 -3.59
N LEU C 135 -8.47 -13.97 -4.34
CA LEU C 135 -9.90 -13.77 -4.37
C LEU C 135 -10.58 -15.08 -4.03
N VAL C 136 -11.32 -15.09 -2.93
CA VAL C 136 -12.09 -16.26 -2.51
C VAL C 136 -13.53 -16.15 -3.01
N GLN C 137 -14.03 -17.23 -3.60
CA GLN C 137 -15.42 -17.29 -4.01
C GLN C 137 -16.13 -18.49 -3.42
N TYR C 138 -17.36 -18.28 -2.97
CA TYR C 138 -18.18 -19.37 -2.49
C TYR C 138 -19.63 -19.20 -2.93
N ARG C 139 -20.35 -20.30 -2.97
CA ARG C 139 -21.77 -20.29 -3.35
C ARG C 139 -22.44 -21.57 -2.85
N THR C 140 -23.75 -21.50 -2.66
CA THR C 140 -24.53 -22.71 -2.45
C THR C 140 -25.18 -23.10 -3.78
N ASP C 141 -25.76 -24.29 -3.83
CA ASP C 141 -26.39 -24.78 -5.06
C ASP C 141 -27.58 -23.91 -5.47
N TRP C 142 -28.10 -23.14 -4.52
CA TRP C 142 -29.25 -22.27 -4.78
C TRP C 142 -28.81 -20.94 -5.39
N ASP C 143 -27.61 -20.48 -5.02
CA ASP C 143 -27.13 -19.18 -5.43
C ASP C 143 -27.04 -19.01 -6.94
N HIS C 144 -27.51 -17.88 -7.43
CA HIS C 144 -27.43 -17.56 -8.86
C HIS C 144 -25.98 -17.37 -9.28
N SER C 145 -25.24 -16.60 -8.49
CA SER C 145 -23.83 -16.35 -8.78
C SER C 145 -22.98 -16.48 -7.52
N TRP C 146 -21.66 -16.35 -7.70
CA TRP C 146 -20.72 -16.51 -6.61
C TRP C 146 -20.68 -15.29 -5.69
N THR C 147 -20.48 -15.54 -4.40
CA THR C 147 -20.15 -14.49 -3.45
C THR C 147 -18.62 -14.43 -3.39
N GLU C 148 -18.06 -13.22 -3.31
CA GLU C 148 -16.61 -13.09 -3.32
C GLU C 148 -16.05 -12.14 -2.26
N GLN C 149 -14.80 -12.39 -1.87
CA GLN C 149 -14.10 -11.56 -0.90
C GLN C 149 -12.59 -11.58 -1.16
N SER C 150 -11.97 -10.40 -1.20
CA SER C 150 -10.54 -10.29 -1.39
C SER C 150 -9.78 -10.78 -0.16
N VAL C 151 -8.59 -11.31 -0.37
CA VAL C 151 -7.71 -11.73 0.72
C VAL C 151 -6.27 -11.33 0.37
N ASP C 152 -5.48 -10.94 1.37
CA ASP C 152 -4.08 -10.60 1.11
C ASP C 152 -3.16 -11.80 1.26
N TYR C 153 -1.89 -11.56 1.58
CA TYR C 153 -0.89 -12.62 1.62
C TYR C 153 -0.99 -13.55 2.84
N ARG C 154 -1.99 -13.33 3.68
CA ARG C 154 -2.22 -14.20 4.82
C ARG C 154 -2.78 -15.55 4.36
N HIS C 155 -3.37 -15.54 3.16
CA HIS C 155 -4.01 -16.69 2.53
C HIS C 155 -4.80 -17.62 3.47
N LYS C 156 -5.68 -17.01 4.25
CA LYS C 156 -6.69 -17.72 5.03
C LYS C 156 -8.02 -17.03 4.77
N PHE C 157 -9.12 -17.74 5.03
CA PHE C 157 -10.44 -17.16 4.88
C PHE C 157 -11.44 -17.80 5.83
N SER C 158 -12.15 -16.98 6.59
CA SER C 158 -13.17 -17.49 7.51
C SER C 158 -14.57 -17.12 7.05
N LEU C 159 -15.48 -18.07 7.18
CA LEU C 159 -16.88 -17.83 6.89
C LEU C 159 -17.65 -17.97 8.20
N PRO C 160 -18.01 -16.83 8.81
CA PRO C 160 -18.56 -16.76 10.16
C PRO C 160 -20.02 -17.19 10.28
N SER C 161 -20.74 -17.27 9.16
CA SER C 161 -22.14 -17.68 9.20
C SER C 161 -22.45 -18.62 8.05
N VAL C 162 -22.73 -19.87 8.40
CA VAL C 162 -22.90 -20.94 7.42
C VAL C 162 -24.28 -21.57 7.55
N ASP C 163 -24.98 -21.66 6.43
CA ASP C 163 -26.26 -22.35 6.40
C ASP C 163 -25.99 -23.86 6.43
N GLY C 164 -26.28 -24.49 7.56
CA GLY C 164 -26.02 -25.91 7.74
C GLY C 164 -26.87 -26.82 6.88
N GLN C 165 -27.93 -26.27 6.28
CA GLN C 165 -28.84 -27.08 5.47
C GLN C 165 -28.47 -27.04 3.99
N LYS C 166 -27.42 -26.28 3.66
CA LYS C 166 -27.02 -26.13 2.26
C LYS C 166 -25.60 -26.61 2.00
N ARG C 167 -25.35 -26.97 0.75
CA ARG C 167 -24.04 -27.43 0.31
C ARG C 167 -23.24 -26.25 -0.27
N TYR C 168 -22.07 -26.00 0.29
CA TYR C 168 -21.23 -24.88 -0.18
C TYR C 168 -20.15 -25.35 -1.13
N THR C 169 -19.72 -24.46 -2.02
CA THR C 169 -18.57 -24.72 -2.88
C THR C 169 -17.60 -23.55 -2.74
N PHE C 170 -16.32 -23.85 -2.55
CA PHE C 170 -15.30 -22.81 -2.42
C PHE C 170 -14.26 -22.92 -3.52
N ARG C 171 -13.80 -21.77 -4.01
CA ARG C 171 -12.69 -21.73 -4.95
C ARG C 171 -11.88 -20.46 -4.74
N VAL C 172 -10.58 -20.52 -5.04
CA VAL C 172 -9.68 -19.39 -4.81
C VAL C 172 -8.82 -19.14 -6.04
N ARG C 173 -8.54 -17.88 -6.32
CA ARG C 173 -7.56 -17.55 -7.35
C ARG C 173 -6.58 -16.48 -6.82
N SER C 174 -5.46 -16.33 -7.50
CA SER C 174 -4.36 -15.50 -7.02
C SER C 174 -3.82 -14.53 -8.07
N ARG C 175 -3.21 -13.46 -7.60
CA ARG C 175 -2.64 -12.46 -8.50
C ARG C 175 -1.32 -11.91 -7.96
N PHE C 176 -0.41 -11.61 -8.88
CA PHE C 176 0.90 -11.04 -8.55
C PHE C 176 0.76 -9.53 -8.37
N ASN C 177 0.33 -9.13 -7.18
CA ASN C 177 -0.09 -7.76 -6.91
C ASN C 177 -0.37 -7.61 -5.42
N PRO C 178 -0.01 -6.46 -4.83
CA PRO C 178 0.70 -5.33 -5.43
C PRO C 178 2.10 -5.12 -4.89
N LEU C 179 2.61 -6.05 -4.09
CA LEU C 179 3.87 -5.80 -3.37
C LEU C 179 5.14 -6.08 -4.18
N CYS C 180 5.06 -7.01 -5.12
CA CYS C 180 6.22 -7.37 -5.93
C CYS C 180 6.02 -7.02 -7.41
N GLY C 181 4.83 -6.55 -7.72
CA GLY C 181 4.47 -6.20 -9.08
C GLY C 181 3.03 -5.73 -9.08
N SER C 182 2.53 -5.34 -10.24
CA SER C 182 1.16 -4.83 -10.35
C SER C 182 0.41 -5.47 -11.52
N ALA C 183 0.40 -6.80 -11.55
CA ALA C 183 -0.30 -7.53 -12.59
C ALA C 183 -1.81 -7.34 -12.45
N GLN C 184 -2.50 -7.26 -13.58
CA GLN C 184 -3.95 -7.13 -13.56
C GLN C 184 -4.63 -8.49 -13.71
N HIS C 185 -3.99 -9.38 -14.46
CA HIS C 185 -4.54 -10.71 -14.71
C HIS C 185 -4.44 -11.63 -13.49
N TRP C 186 -5.46 -12.44 -13.30
CA TRP C 186 -5.49 -13.42 -12.22
C TRP C 186 -5.08 -14.79 -12.72
N SER C 187 -4.69 -15.65 -11.79
CA SER C 187 -4.48 -17.06 -12.08
C SER C 187 -5.81 -17.70 -12.43
N GLU C 188 -5.77 -18.94 -12.89
CA GLU C 188 -6.98 -19.71 -13.09
C GLU C 188 -7.55 -20.06 -11.72
N TRP C 189 -8.80 -20.51 -11.70
CA TRP C 189 -9.42 -20.89 -10.44
C TRP C 189 -8.81 -22.18 -9.90
N SER C 190 -8.73 -22.28 -8.58
CA SER C 190 -8.26 -23.49 -7.94
C SER C 190 -9.26 -24.60 -8.18
N HIS C 191 -8.84 -25.83 -7.94
CA HIS C 191 -9.76 -26.94 -7.84
C HIS C 191 -10.71 -26.62 -6.70
N PRO C 192 -12.03 -26.67 -6.95
CA PRO C 192 -13.03 -26.33 -5.94
C PRO C 192 -13.23 -27.44 -4.92
N ILE C 193 -13.68 -27.08 -3.73
CA ILE C 193 -14.07 -28.07 -2.74
C ILE C 193 -15.46 -27.76 -2.19
N HIS C 194 -16.12 -28.80 -1.68
CA HIS C 194 -17.48 -28.67 -1.19
C HIS C 194 -17.56 -28.90 0.31
N TRP C 195 -18.64 -28.39 0.92
CA TRP C 195 -18.91 -28.63 2.33
C TRP C 195 -20.40 -28.84 2.53
N GLY C 196 -20.74 -29.76 3.43
CA GLY C 196 -22.12 -30.03 3.78
C GLY C 196 -22.92 -30.63 2.65
N SER C 197 -24.24 -30.57 2.78
CA SER C 197 -25.14 -31.10 1.75
C SER C 197 -26.53 -30.49 1.87
N ASN C 198 -27.34 -30.68 0.83
CA ASN C 198 -28.71 -30.18 0.84
C ASN C 198 -29.67 -31.14 1.52
N ILE D 3 -1.97 43.63 -6.28
CA ILE D 3 -0.75 43.27 -5.58
C ILE D 3 0.20 42.47 -6.45
N THR D 4 1.39 43.04 -6.68
CA THR D 4 2.40 42.37 -7.50
C THR D 4 3.69 42.16 -6.71
N CYS D 5 4.50 41.23 -7.17
CA CYS D 5 5.81 40.98 -6.58
C CYS D 5 6.90 41.72 -7.35
N PRO D 6 7.97 42.11 -6.65
CA PRO D 6 9.15 42.70 -7.29
C PRO D 6 9.90 41.62 -8.07
N PRO D 7 10.86 42.01 -8.93
CA PRO D 7 11.68 41.02 -9.63
C PRO D 7 12.36 40.07 -8.66
N PRO D 8 12.31 38.75 -8.92
CA PRO D 8 12.89 37.76 -8.03
C PRO D 8 14.40 37.95 -7.89
N MET D 9 14.95 37.59 -6.73
CA MET D 9 16.39 37.62 -6.53
C MET D 9 17.04 36.58 -7.43
N SER D 10 18.26 36.86 -7.86
CA SER D 10 18.95 35.93 -8.76
C SER D 10 19.46 34.71 -8.02
N VAL D 11 19.46 33.57 -8.70
CA VAL D 11 20.06 32.36 -8.19
C VAL D 11 21.27 32.03 -9.04
N GLU D 12 22.40 31.72 -8.39
CA GLU D 12 23.65 31.50 -9.09
C GLU D 12 23.55 30.45 -10.19
N HIS D 13 24.05 30.80 -11.38
CA HIS D 13 24.06 29.92 -12.54
C HIS D 13 22.67 29.57 -13.03
N ALA D 14 21.70 30.43 -12.72
CA ALA D 14 20.33 30.21 -13.15
C ALA D 14 19.70 31.51 -13.66
N ASP D 15 18.68 31.35 -14.48
CA ASP D 15 17.90 32.49 -14.95
C ASP D 15 16.42 32.26 -14.66
N ILE D 16 15.63 33.33 -14.76
CA ILE D 16 14.19 33.20 -14.56
C ILE D 16 13.40 34.17 -15.44
N TRP D 17 12.39 33.64 -16.12
CA TRP D 17 11.50 34.44 -16.95
C TRP D 17 10.09 34.38 -16.40
N VAL D 18 9.75 35.37 -15.59
CA VAL D 18 8.45 35.43 -14.91
C VAL D 18 7.32 35.70 -15.90
N LYS D 19 6.27 34.87 -15.83
CA LYS D 19 5.09 35.10 -16.65
C LYS D 19 4.13 36.07 -15.97
N SER D 20 4.10 36.04 -14.64
CA SER D 20 3.22 36.92 -13.90
C SER D 20 3.82 37.31 -12.55
N TYR D 21 3.85 38.61 -12.28
CA TYR D 21 4.39 39.12 -11.02
C TYR D 21 3.31 39.24 -9.95
N SER D 22 2.07 38.97 -10.34
CA SER D 22 0.95 39.08 -9.41
C SER D 22 1.01 38.00 -8.34
N LEU D 23 0.28 38.24 -7.24
CA LEU D 23 0.27 37.34 -6.10
C LEU D 23 -0.14 35.92 -6.49
N TYR D 24 0.38 34.94 -5.75
CA TYR D 24 0.07 33.52 -5.92
C TYR D 24 0.64 32.90 -7.19
N SER D 25 1.31 33.70 -8.01
CA SER D 25 1.92 33.19 -9.24
C SER D 25 3.08 32.26 -8.92
N ARG D 26 3.17 31.16 -9.65
CA ARG D 26 4.26 30.21 -9.48
C ARG D 26 5.23 30.32 -10.65
N GLU D 27 6.51 30.54 -10.34
CA GLU D 27 7.52 30.63 -11.37
C GLU D 27 8.63 29.62 -11.10
N ARG D 28 9.51 29.43 -12.07
CA ARG D 28 10.53 28.38 -11.95
C ARG D 28 11.88 28.82 -12.53
N TYR D 29 12.91 28.76 -11.69
CA TYR D 29 14.27 29.06 -12.14
C TYR D 29 14.78 27.97 -13.07
N ILE D 30 15.57 28.38 -14.06
CA ILE D 30 16.19 27.43 -14.99
C ILE D 30 17.70 27.52 -14.87
N CYS D 31 18.34 26.41 -14.52
CA CYS D 31 19.79 26.35 -14.45
C CYS D 31 20.39 26.61 -15.83
N ASN D 32 21.45 27.42 -15.87
CA ASN D 32 22.10 27.76 -17.12
C ASN D 32 22.70 26.55 -17.83
N SER D 33 23.09 26.74 -19.09
CA SER D 33 23.72 25.69 -19.87
C SER D 33 25.01 25.23 -19.19
N GLY D 34 25.20 23.91 -19.13
CA GLY D 34 26.36 23.35 -18.47
C GLY D 34 26.14 23.18 -16.97
N PHE D 35 24.89 23.37 -16.55
CA PHE D 35 24.53 23.22 -15.14
C PHE D 35 23.25 22.42 -14.97
N LYS D 36 23.11 21.80 -13.79
CA LYS D 36 21.93 21.01 -13.48
C LYS D 36 21.39 21.38 -12.10
N ARG D 37 20.08 21.19 -11.91
CA ARG D 37 19.49 21.33 -10.59
C ARG D 37 20.02 20.20 -9.71
N LYS D 38 20.52 20.56 -8.52
CA LYS D 38 20.97 19.55 -7.57
C LYS D 38 19.78 18.77 -7.05
N ALA D 39 19.89 17.43 -7.07
CA ALA D 39 18.82 16.57 -6.59
C ALA D 39 18.50 16.89 -5.14
N GLY D 40 17.23 16.99 -4.82
CA GLY D 40 16.80 17.35 -3.48
C GLY D 40 16.50 18.83 -3.33
N THR D 41 16.86 19.61 -4.35
CA THR D 41 16.61 21.04 -4.33
C THR D 41 15.56 21.43 -5.37
N SER D 42 14.79 22.47 -5.07
CA SER D 42 13.67 22.84 -5.93
C SER D 42 13.87 24.18 -6.63
N SER D 43 13.47 24.24 -7.89
CA SER D 43 13.59 25.44 -8.69
C SER D 43 12.33 26.31 -8.59
N LEU D 44 11.36 25.86 -7.79
CA LEU D 44 10.10 26.56 -7.64
C LEU D 44 10.22 27.81 -6.75
N THR D 45 9.59 28.89 -7.18
CA THR D 45 9.39 30.06 -6.34
C THR D 45 7.99 30.58 -6.62
N GLU D 46 7.38 31.22 -5.63
CA GLU D 46 6.05 31.78 -5.84
C GLU D 46 5.84 33.08 -5.07
N CYS D 47 4.97 33.93 -5.62
CA CYS D 47 4.66 35.20 -5.00
C CYS D 47 3.67 35.00 -3.87
N VAL D 48 4.17 34.97 -2.63
CA VAL D 48 3.31 34.87 -1.46
C VAL D 48 3.21 36.23 -0.77
N LEU D 49 2.38 36.30 0.26
CA LEU D 49 2.15 37.55 0.96
C LEU D 49 2.74 37.53 2.37
N ASN D 50 3.64 38.46 2.64
CA ASN D 50 4.10 38.70 3.99
C ASN D 50 2.95 39.33 4.76
N LYS D 51 2.16 38.51 5.43
CA LYS D 51 0.96 38.96 6.11
C LYS D 51 1.26 39.97 7.22
N ALA D 52 2.48 39.95 7.72
CA ALA D 52 2.89 40.85 8.79
C ALA D 52 3.13 42.27 8.27
N THR D 53 3.59 42.38 7.04
CA THR D 53 3.96 43.69 6.48
C THR D 53 3.13 44.07 5.26
N ASN D 54 2.23 43.18 4.85
CA ASN D 54 1.34 43.42 3.71
C ASN D 54 2.08 43.64 2.38
N VAL D 55 3.32 43.15 2.30
CA VAL D 55 4.07 43.22 1.06
C VAL D 55 4.26 41.83 0.46
N ALA D 56 4.24 41.75 -0.87
CA ALA D 56 4.40 40.48 -1.56
C ALA D 56 5.86 40.24 -1.92
N HIS D 57 6.33 39.01 -1.70
CA HIS D 57 7.71 38.65 -2.01
C HIS D 57 7.74 37.23 -2.56
N TRP D 58 8.74 36.96 -3.40
CA TRP D 58 8.94 35.61 -3.91
C TRP D 58 9.51 34.74 -2.80
N THR D 59 9.04 33.50 -2.73
CA THR D 59 9.59 32.54 -1.78
C THR D 59 11.04 32.23 -2.15
N THR D 60 11.89 32.10 -1.14
CA THR D 60 13.28 31.75 -1.40
C THR D 60 13.37 30.30 -1.82
N PRO D 61 13.89 30.05 -3.03
CA PRO D 61 14.03 28.69 -3.55
C PRO D 61 15.20 27.97 -2.88
N SER D 62 15.15 26.64 -2.87
CA SER D 62 16.24 25.85 -2.31
C SER D 62 17.19 25.45 -3.42
N LEU D 63 16.89 25.89 -4.64
CA LEU D 63 17.65 25.53 -5.83
C LEU D 63 19.16 25.75 -5.72
N LYS D 64 19.92 24.68 -5.99
CA LYS D 64 21.35 24.78 -6.15
C LYS D 64 21.71 24.26 -7.53
N CYS D 65 22.25 25.14 -8.38
CA CYS D 65 22.67 24.77 -9.71
C CYS D 65 24.13 24.34 -9.72
N ILE D 66 24.38 23.05 -9.94
CA ILE D 66 25.74 22.51 -9.95
C ILE D 66 26.21 22.22 -11.37
N ARG D 67 27.52 22.06 -11.54
CA ARG D 67 28.10 21.75 -12.84
C ARG D 67 27.52 20.45 -13.38
N ASP D 68 27.23 20.43 -14.67
CA ASP D 68 26.66 19.24 -15.31
C ASP D 68 27.66 18.08 -15.29
N PRO D 69 27.32 17.01 -14.57
CA PRO D 69 28.21 15.84 -14.43
C PRO D 69 28.23 15.00 -15.71
#